data_1ZW2
#
_entry.id   1ZW2
#
_cell.length_a   52.032
_cell.length_b   70.043
_cell.length_c   96.025
_cell.angle_alpha   90.00
_cell.angle_beta   90.00
_cell.angle_gamma   90.00
#
_symmetry.space_group_name_H-M   'P 21 21 2'
#
loop_
_entity.id
_entity.type
_entity.pdbx_description
1 polymer Vinculin
2 polymer talin
3 water water
#
loop_
_entity_poly.entity_id
_entity_poly.type
_entity_poly.pdbx_seq_one_letter_code
_entity_poly.pdbx_strand_id
1 'polypeptide(L)'
;MGSSHHHHHHSSGLVPRGSHMPVFHTRTIESILEPVAQQISHLVIMHEEGEVDGKAIPDLTAPVSAVQAAVSNLVRVGKE
TVQTTEDQILKRDMPPAFIKVENACTKLVRAAQMLQADPYSVPARDYLIDGSRGILSGTSDLLLTFDEAEVRKIIRVCKG
ILEYLTVAEVVETMEDLVTYTKNLGPGMTKMAKMIDERQQELTHQEHRVMLVNSMNTVKELLPVLISAMKIFVTTKNTKS
QGIEEALKNRNFTVEKMSAEINEIIRVLQLTSWDEDAWA
;
A
2 'polypeptide(L)' ILEAAKSIAAATSALVKAASAAQRE B
#
# COMPACT_ATOMS: atom_id res chain seq x y z
N MET A 21 4.60 6.91 13.94
CA MET A 21 5.15 8.29 13.99
C MET A 21 4.81 9.08 12.71
N PRO A 22 5.10 8.50 11.52
CA PRO A 22 4.45 9.02 10.33
C PRO A 22 2.94 8.72 10.28
N VAL A 23 2.23 9.54 9.52
CA VAL A 23 0.83 9.30 9.22
C VAL A 23 0.74 7.98 8.47
N PHE A 24 -0.21 7.12 8.83
CA PHE A 24 -0.45 5.91 8.05
C PHE A 24 -0.88 6.33 6.68
N HIS A 25 -0.34 5.67 5.66
CA HIS A 25 -0.35 6.27 4.32
C HIS A 25 -1.54 5.87 3.44
N THR A 26 -2.32 4.88 3.89
CA THR A 26 -3.63 4.64 3.32
C THR A 26 -4.72 4.70 4.41
N ARG A 27 -5.97 4.89 3.98
CA ARG A 27 -7.08 4.99 4.92
C ARG A 27 -7.38 3.68 5.62
N THR A 28 -7.17 2.56 4.91
CA THR A 28 -7.35 1.21 5.49
C THR A 28 -6.33 0.97 6.62
N ILE A 29 -5.06 1.18 6.30
CA ILE A 29 -3.99 1.00 7.27
C ILE A 29 -4.24 1.91 8.48
N GLU A 30 -4.60 3.17 8.21
CA GLU A 30 -4.88 4.16 9.28
C GLU A 30 -6.03 3.72 10.21
N SER A 31 -7.11 3.19 9.65
CA SER A 31 -8.25 2.74 10.48
C SER A 31 -7.95 1.49 11.28
N ILE A 32 -6.90 0.76 10.89
CA ILE A 32 -6.52 -0.45 11.62
C ILE A 32 -5.57 -0.12 12.77
N LEU A 33 -4.52 0.64 12.46
CA LEU A 33 -3.40 0.87 13.37
C LEU A 33 -3.51 2.14 14.19
N GLU A 34 -4.34 3.08 13.73
CA GLU A 34 -4.44 4.37 14.39
C GLU A 34 -5.00 4.25 15.82
N PRO A 35 -6.07 3.43 16.00
CA PRO A 35 -6.51 3.13 17.37
C PRO A 35 -5.41 2.56 18.26
N VAL A 36 -4.62 1.63 17.74
CA VAL A 36 -3.58 0.96 18.52
C VAL A 36 -2.47 1.95 18.86
N ALA A 37 -2.07 2.78 17.90
CA ALA A 37 -0.97 3.70 18.20
C ALA A 37 -1.35 4.66 19.34
N GLN A 38 -2.61 5.11 19.34
CA GLN A 38 -3.13 6.03 20.36
C GLN A 38 -3.19 5.41 21.75
N GLN A 39 -3.64 4.17 21.81
CA GLN A 39 -3.71 3.43 23.06
C GLN A 39 -2.32 3.22 23.66
N ILE A 40 -1.39 2.87 22.81
CA ILE A 40 0.00 2.74 23.21
C ILE A 40 0.55 4.03 23.80
N SER A 41 0.26 5.15 23.14
CA SER A 41 0.67 6.47 23.67
C SER A 41 0.10 6.74 25.07
N HIS A 42 -1.18 6.39 25.27
CA HIS A 42 -1.83 6.57 26.56
C HIS A 42 -1.21 5.70 27.63
N LEU A 43 -0.86 4.47 27.28
CA LEU A 43 -0.08 3.57 28.16
C LEU A 43 1.28 4.13 28.52
N VAL A 44 1.96 4.73 27.55
CA VAL A 44 3.27 5.32 27.79
C VAL A 44 3.14 6.53 28.74
N ILE A 45 2.11 7.37 28.52
CA ILE A 45 1.92 8.62 29.28
C ILE A 45 1.97 8.38 30.79
N MET A 46 1.49 7.22 31.20
CA MET A 46 1.51 6.85 32.61
C MET A 46 2.89 6.31 32.98
N HIS A 47 2.91 5.19 33.69
CA HIS A 47 4.04 4.25 33.64
C HIS A 47 5.32 4.92 33.12
N GLU A 48 5.73 4.70 31.87
CA GLU A 48 6.93 5.44 31.42
C GLU A 48 6.98 6.98 31.19
N GLU A 49 8.06 7.46 30.58
CA GLU A 49 8.46 8.87 30.67
C GLU A 49 8.41 9.34 32.16
N GLY A 50 9.06 8.58 33.04
CA GLY A 50 9.23 8.93 34.45
C GLY A 50 7.99 9.23 35.30
N GLU A 51 6.77 9.10 34.74
CA GLU A 51 5.55 9.65 35.38
C GLU A 51 4.91 8.79 36.51
N VAL A 52 3.91 7.97 36.19
CA VAL A 52 3.17 7.22 37.23
C VAL A 52 3.96 5.99 37.71
N ASP A 53 4.94 6.24 38.59
CA ASP A 53 5.74 5.18 39.22
C ASP A 53 5.00 4.59 40.42
N GLY A 54 4.98 3.25 40.48
CA GLY A 54 4.39 2.52 41.60
C GLY A 54 2.89 2.30 41.52
N LYS A 55 2.38 2.19 40.29
CA LYS A 55 0.94 2.13 40.04
C LYS A 55 0.28 0.78 40.45
N ALA A 56 0.58 -0.29 39.71
CA ALA A 56 0.05 -1.67 39.91
C ALA A 56 -0.83 -2.11 38.73
N ILE A 57 -0.23 -2.90 37.84
CA ILE A 57 -0.89 -3.40 36.63
C ILE A 57 -1.57 -4.74 36.96
N PRO A 58 -2.86 -4.91 36.60
CA PRO A 58 -3.54 -6.17 36.90
C PRO A 58 -2.99 -7.37 36.10
N ASP A 59 -3.63 -8.54 36.23
CA ASP A 59 -3.19 -9.76 35.57
C ASP A 59 -3.56 -9.75 34.08
N LEU A 60 -2.54 -9.93 33.23
CA LEU A 60 -2.64 -9.72 31.81
C LEU A 60 -2.53 -11.00 31.01
N THR A 61 -2.61 -12.14 31.69
CA THR A 61 -2.50 -13.43 31.01
C THR A 61 -3.57 -13.62 29.91
N ALA A 62 -4.84 -13.43 30.29
CA ALA A 62 -5.97 -13.30 29.36
C ALA A 62 -5.67 -12.45 28.11
N PRO A 63 -5.55 -11.12 28.31
CA PRO A 63 -5.37 -10.30 27.10
C PRO A 63 -4.10 -10.62 26.29
N VAL A 64 -3.04 -11.10 26.93
CA VAL A 64 -1.83 -11.48 26.20
C VAL A 64 -2.02 -12.78 25.43
N SER A 65 -2.75 -13.74 25.99
CA SER A 65 -2.99 -15.00 25.28
C SER A 65 -3.84 -14.79 24.04
N ALA A 66 -4.72 -13.80 24.10
CA ALA A 66 -5.52 -13.36 22.94
C ALA A 66 -4.68 -12.66 21.87
N VAL A 67 -3.73 -11.83 22.27
CA VAL A 67 -2.78 -11.21 21.30
C VAL A 67 -1.96 -12.31 20.64
N GLN A 68 -1.58 -13.29 21.46
CA GLN A 68 -0.75 -14.40 21.04
C GLN A 68 -1.51 -15.22 19.99
N ALA A 69 -2.79 -15.49 20.24
CA ALA A 69 -3.65 -16.15 19.27
C ALA A 69 -3.81 -15.34 17.97
N ALA A 70 -3.87 -14.02 18.07
CA ALA A 70 -3.99 -13.17 16.87
C ALA A 70 -2.68 -13.15 16.12
N VAL A 71 -1.57 -13.22 16.85
CA VAL A 71 -0.24 -13.30 16.26
C VAL A 71 -0.08 -14.60 15.45
N SER A 72 -0.51 -15.72 16.03
CA SER A 72 -0.57 -17.00 15.33
C SER A 72 -1.33 -16.92 14.04
N ASN A 73 -2.53 -16.35 14.11
CA ASN A 73 -3.38 -16.24 12.94
C ASN A 73 -2.73 -15.38 11.85
N LEU A 74 -2.13 -14.27 12.26
CA LEU A 74 -1.51 -13.34 11.33
C LEU A 74 -0.41 -14.04 10.58
N VAL A 75 0.41 -14.76 11.33
CA VAL A 75 1.51 -15.52 10.76
C VAL A 75 0.98 -16.67 9.87
N ARG A 76 -0.16 -17.28 10.24
CA ARG A 76 -0.81 -18.29 9.40
C ARG A 76 -1.22 -17.68 8.04
N VAL A 77 -2.06 -16.64 8.10
CA VAL A 77 -2.50 -15.95 6.89
C VAL A 77 -1.33 -15.42 6.04
N GLY A 78 -0.31 -14.91 6.69
CA GLY A 78 0.88 -14.40 6.01
C GLY A 78 1.72 -15.46 5.30
N LYS A 79 1.91 -16.62 5.94
CA LYS A 79 2.72 -17.70 5.35
C LYS A 79 1.97 -18.39 4.19
N GLU A 80 0.64 -18.34 4.22
CA GLU A 80 -0.14 -18.78 3.07
C GLU A 80 0.06 -17.81 1.90
N THR A 81 0.05 -16.52 2.16
CA THR A 81 0.33 -15.53 1.13
C THR A 81 1.70 -15.70 0.46
N VAL A 82 2.71 -16.00 1.26
CA VAL A 82 4.09 -16.09 0.82
C VAL A 82 4.28 -17.26 -0.13
N GLN A 83 3.76 -18.43 0.25
CA GLN A 83 3.94 -19.63 -0.56
C GLN A 83 3.01 -19.63 -1.78
N THR A 84 2.14 -18.62 -1.85
CA THR A 84 1.10 -18.52 -2.89
C THR A 84 1.28 -17.34 -3.86
N THR A 85 1.94 -16.26 -3.43
CA THR A 85 2.18 -15.09 -4.27
C THR A 85 3.11 -15.38 -5.45
N GLU A 86 2.95 -14.60 -6.52
CA GLU A 86 3.93 -14.51 -7.61
C GLU A 86 5.00 -13.45 -7.26
N ASP A 87 4.57 -12.43 -6.51
CA ASP A 87 5.42 -11.29 -6.19
C ASP A 87 6.64 -11.79 -5.39
N GLN A 88 7.83 -11.58 -5.96
CA GLN A 88 9.07 -12.08 -5.38
C GLN A 88 9.57 -11.16 -4.28
N ILE A 89 9.34 -9.86 -4.47
CA ILE A 89 9.61 -8.86 -3.45
C ILE A 89 8.73 -9.10 -2.18
N LEU A 90 7.44 -9.39 -2.40
CA LEU A 90 6.54 -9.74 -1.29
C LEU A 90 7.05 -10.96 -0.51
N LYS A 91 7.34 -12.03 -1.26
CA LYS A 91 7.84 -13.31 -0.73
C LYS A 91 9.05 -13.16 0.21
N ARG A 92 9.94 -12.25 -0.16
CA ARG A 92 11.12 -11.90 0.60
C ARG A 92 10.88 -10.99 1.79
N ASP A 93 9.99 -10.01 1.63
CA ASP A 93 9.84 -8.93 2.61
C ASP A 93 8.88 -9.24 3.75
N MET A 94 7.96 -10.17 3.56
CA MET A 94 7.03 -10.52 4.62
C MET A 94 7.66 -11.24 5.81
N PRO A 95 8.44 -12.32 5.56
CA PRO A 95 8.99 -13.10 6.68
C PRO A 95 9.61 -12.29 7.85
N PRO A 96 10.42 -11.26 7.57
CA PRO A 96 10.92 -10.42 8.65
C PRO A 96 9.86 -9.80 9.56
N ALA A 97 8.74 -9.38 9.00
CA ALA A 97 7.65 -8.83 9.80
C ALA A 97 7.07 -9.91 10.75
N PHE A 98 7.05 -11.16 10.30
CA PHE A 98 6.53 -12.29 11.12
C PHE A 98 7.39 -12.46 12.36
N ILE A 99 8.71 -12.28 12.17
CA ILE A 99 9.71 -12.44 13.21
C ILE A 99 9.50 -11.35 14.22
N LYS A 100 9.40 -10.11 13.75
CA LYS A 100 9.21 -8.95 14.59
C LYS A 100 7.96 -9.06 15.49
N VAL A 101 6.85 -9.56 14.95
CA VAL A 101 5.62 -9.72 15.70
C VAL A 101 5.71 -10.89 16.74
N GLU A 102 6.23 -12.04 16.34
CA GLU A 102 6.43 -13.16 17.26
C GLU A 102 7.38 -12.80 18.37
N ASN A 103 8.48 -12.16 18.02
CA ASN A 103 9.44 -11.71 19.02
C ASN A 103 8.87 -10.67 20.02
N ALA A 104 8.12 -9.70 19.49
CA ALA A 104 7.38 -8.76 20.34
C ALA A 104 6.36 -9.52 21.20
N CYS A 105 5.72 -10.52 20.64
CA CYS A 105 4.75 -11.29 21.44
C CYS A 105 5.48 -11.90 22.61
N THR A 106 6.64 -12.46 22.38
CA THR A 106 7.38 -13.16 23.42
C THR A 106 7.62 -12.30 24.67
N LYS A 107 7.84 -11.00 24.46
CA LYS A 107 7.88 -10.11 25.61
C LYS A 107 6.50 -9.93 26.23
N LEU A 108 5.52 -9.75 25.46
CA LEU A 108 4.26 -9.51 26.08
C LEU A 108 4.10 -10.68 27.04
N VAL A 109 4.45 -11.88 26.65
CA VAL A 109 4.20 -13.13 27.48
C VAL A 109 5.04 -13.09 28.74
N ARG A 110 6.32 -12.66 28.60
CA ARG A 110 7.13 -12.52 29.75
C ARG A 110 6.58 -11.46 30.68
N ALA A 111 5.90 -10.45 30.15
CA ALA A 111 5.35 -9.38 31.01
C ALA A 111 4.20 -9.90 31.82
N ALA A 112 3.30 -10.63 31.17
CA ALA A 112 2.19 -11.30 31.91
C ALA A 112 2.75 -12.07 33.12
N GLN A 113 3.68 -12.98 32.88
CA GLN A 113 4.37 -13.72 33.95
C GLN A 113 5.00 -12.82 35.01
N MET A 114 5.83 -11.86 34.59
CA MET A 114 6.50 -10.98 35.53
C MET A 114 5.55 -10.19 36.41
N LEU A 115 4.45 -9.70 35.82
CA LEU A 115 3.38 -9.00 36.58
C LEU A 115 2.59 -9.93 37.49
N GLN A 116 2.35 -11.18 37.09
CA GLN A 116 1.75 -12.14 38.01
C GLN A 116 2.53 -12.24 39.32
N ALA A 117 3.86 -12.13 39.26
CA ALA A 117 4.70 -12.29 40.45
C ALA A 117 4.90 -10.93 41.16
N ASP A 118 4.88 -9.85 40.39
CA ASP A 118 5.05 -8.52 40.94
C ASP A 118 4.25 -7.50 40.08
N PRO A 119 3.02 -7.16 40.51
CA PRO A 119 2.17 -6.17 39.80
C PRO A 119 2.87 -4.83 39.59
N TYR A 120 3.93 -4.61 40.34
CA TYR A 120 4.72 -3.39 40.28
C TYR A 120 6.01 -3.53 39.50
N SER A 121 6.22 -4.66 38.84
CA SER A 121 7.45 -4.88 38.09
C SER A 121 7.68 -3.80 37.03
N VAL A 122 8.83 -3.14 37.12
CA VAL A 122 9.21 -2.14 36.11
C VAL A 122 9.77 -2.80 34.83
N PRO A 123 10.51 -3.94 34.95
CA PRO A 123 10.88 -4.62 33.68
C PRO A 123 9.65 -5.14 32.93
N ALA A 124 8.65 -5.61 33.68
CA ALA A 124 7.40 -6.02 33.10
C ALA A 124 6.70 -4.90 32.33
N ARG A 125 6.76 -3.66 32.84
CA ARG A 125 6.15 -2.52 32.16
C ARG A 125 6.92 -2.13 30.88
N ASP A 126 8.24 -2.25 30.94
CA ASP A 126 9.08 -1.91 29.80
C ASP A 126 8.89 -2.92 28.70
N TYR A 127 8.82 -4.19 29.06
CA TYR A 127 8.49 -5.26 28.13
C TYR A 127 7.13 -5.05 27.51
N LEU A 128 6.17 -4.63 28.33
CA LEU A 128 4.81 -4.45 27.85
C LEU A 128 4.72 -3.31 26.82
N ILE A 129 5.44 -2.23 27.07
CA ILE A 129 5.51 -1.13 26.13
C ILE A 129 6.28 -1.52 24.86
N ASP A 130 7.47 -2.08 25.03
CA ASP A 130 8.24 -2.57 23.90
C ASP A 130 7.51 -3.60 23.10
N GLY A 131 6.87 -4.54 23.79
CA GLY A 131 6.11 -5.55 23.09
C GLY A 131 5.01 -4.92 22.25
N SER A 132 4.17 -4.09 22.87
CA SER A 132 3.06 -3.44 22.19
C SER A 132 3.56 -2.69 20.95
N ARG A 133 4.61 -1.90 21.12
CA ARG A 133 5.20 -1.20 19.99
C ARG A 133 5.68 -2.15 18.91
N GLY A 134 6.26 -3.28 19.30
CA GLY A 134 6.65 -4.27 18.33
C GLY A 134 5.50 -4.89 17.57
N ILE A 135 4.38 -5.09 18.23
CA ILE A 135 3.22 -5.63 17.52
C ILE A 135 2.74 -4.59 16.51
N LEU A 136 2.63 -3.34 16.93
CA LEU A 136 2.22 -2.24 16.06
C LEU A 136 3.16 -2.13 14.87
N SER A 137 4.43 -2.01 15.19
CA SER A 137 5.46 -1.85 14.19
C SER A 137 5.53 -3.02 13.21
N GLY A 138 5.60 -4.25 13.71
CA GLY A 138 5.61 -5.40 12.83
C GLY A 138 4.34 -5.56 12.01
N THR A 139 3.20 -5.18 12.57
CA THR A 139 1.94 -5.23 11.80
C THR A 139 1.90 -4.10 10.75
N SER A 140 2.46 -2.97 11.08
CA SER A 140 2.61 -1.90 10.13
C SER A 140 3.49 -2.39 8.96
N ASP A 141 4.64 -3.01 9.24
CA ASP A 141 5.52 -3.49 8.17
C ASP A 141 4.80 -4.50 7.33
N LEU A 142 4.06 -5.39 7.96
CA LEU A 142 3.35 -6.43 7.23
C LEU A 142 2.32 -5.85 6.25
N LEU A 143 1.66 -4.76 6.67
CA LEU A 143 0.64 -4.08 5.87
C LEU A 143 1.26 -3.21 4.77
N LEU A 144 2.34 -2.51 5.08
CA LEU A 144 3.05 -1.78 4.06
C LEU A 144 3.52 -2.70 2.93
N THR A 145 4.26 -3.73 3.27
CA THR A 145 4.73 -4.73 2.30
C THR A 145 3.60 -5.21 1.43
N PHE A 146 2.48 -5.54 2.04
CA PHE A 146 1.33 -6.01 1.29
C PHE A 146 0.82 -4.92 0.34
N ASP A 147 0.74 -3.70 0.84
CA ASP A 147 0.30 -2.56 0.07
C ASP A 147 1.18 -2.32 -1.15
N GLU A 148 2.50 -2.26 -0.91
CA GLU A 148 3.52 -2.23 -1.97
C GLU A 148 3.30 -3.24 -3.08
N ALA A 149 2.87 -4.44 -2.73
CA ALA A 149 2.61 -5.45 -3.73
C ALA A 149 1.37 -5.07 -4.57
N GLU A 150 0.32 -4.59 -3.90
CA GLU A 150 -0.86 -4.06 -4.61
C GLU A 150 -0.45 -2.89 -5.53
N VAL A 151 0.35 -1.96 -5.05
CA VAL A 151 0.82 -0.89 -5.94
C VAL A 151 1.60 -1.41 -7.16
N ARG A 152 2.50 -2.37 -7.00
CA ARG A 152 3.21 -2.94 -8.15
C ARG A 152 2.29 -3.54 -9.24
N LYS A 153 1.12 -4.05 -8.84
CA LYS A 153 0.09 -4.51 -9.78
C LYS A 153 -0.51 -3.40 -10.64
N ILE A 154 -0.65 -2.22 -10.05
CA ILE A 154 -1.13 -1.04 -10.77
C ILE A 154 -0.02 -0.60 -11.70
N ILE A 155 1.21 -0.63 -11.21
CA ILE A 155 2.37 -0.29 -12.03
C ILE A 155 2.53 -1.28 -13.22
N ARG A 156 2.04 -2.51 -13.06
CA ARG A 156 2.08 -3.47 -14.15
C ARG A 156 1.18 -3.01 -15.28
N VAL A 157 -0.02 -2.57 -14.94
CA VAL A 157 -0.96 -2.05 -15.91
C VAL A 157 -0.39 -0.79 -16.57
N CYS A 158 0.24 0.08 -15.80
CA CYS A 158 0.82 1.29 -16.35
C CYS A 158 1.93 1.00 -17.35
N LYS A 159 2.85 0.08 -17.03
CA LYS A 159 4.02 -0.15 -17.90
C LYS A 159 3.64 -0.84 -19.21
N GLY A 160 2.53 -1.56 -19.18
CA GLY A 160 1.98 -2.24 -20.35
C GLY A 160 1.30 -1.29 -21.30
N ILE A 161 0.69 -0.24 -20.78
CA ILE A 161 0.17 0.86 -21.60
C ILE A 161 1.32 1.66 -22.21
N LEU A 162 2.34 1.91 -21.40
CA LEU A 162 3.58 2.57 -21.83
C LEU A 162 4.25 1.84 -23.03
N GLU A 163 4.51 0.54 -22.85
CA GLU A 163 4.99 -0.35 -23.92
C GLU A 163 4.13 -0.28 -25.15
N TYR A 164 2.82 -0.24 -24.96
CA TYR A 164 1.91 -0.26 -26.08
C TYR A 164 1.89 1.09 -26.84
N LEU A 165 2.10 2.19 -26.12
CA LEU A 165 2.22 3.51 -26.74
C LEU A 165 3.40 3.59 -27.68
N THR A 166 4.45 2.84 -27.34
CA THR A 166 5.68 2.69 -28.15
C THR A 166 5.39 2.12 -29.56
N VAL A 167 4.30 1.37 -29.66
CA VAL A 167 3.90 0.63 -30.85
C VAL A 167 2.92 1.43 -31.74
N ALA A 168 2.54 2.63 -31.30
CA ALA A 168 1.69 3.52 -32.09
C ALA A 168 2.43 3.96 -33.35
N GLU A 169 3.75 4.04 -33.21
CA GLU A 169 4.69 4.34 -34.29
C GLU A 169 4.48 3.44 -35.53
N VAL A 170 4.21 2.16 -35.33
CA VAL A 170 4.16 1.21 -36.45
C VAL A 170 2.78 1.10 -37.10
N VAL A 171 1.77 1.77 -36.56
CA VAL A 171 0.44 1.75 -37.17
C VAL A 171 0.42 2.60 -38.46
N GLU A 172 -0.01 1.99 -39.57
CA GLU A 172 -0.08 2.65 -40.89
C GLU A 172 -1.36 2.38 -41.71
N THR A 173 -2.17 1.44 -41.26
CA THR A 173 -3.40 1.06 -41.93
C THR A 173 -4.54 1.49 -41.05
N MET A 174 -5.69 1.74 -41.66
CA MET A 174 -6.90 1.91 -40.86
C MET A 174 -7.19 0.63 -40.07
N GLU A 175 -7.00 -0.54 -40.67
CA GLU A 175 -7.24 -1.80 -39.96
C GLU A 175 -6.33 -2.01 -38.76
N ASP A 176 -5.03 -1.72 -38.93
CA ASP A 176 -4.07 -1.63 -37.82
C ASP A 176 -4.58 -0.70 -36.72
N LEU A 177 -5.00 0.51 -37.12
CA LEU A 177 -5.48 1.54 -36.18
C LEU A 177 -6.65 1.05 -35.34
N VAL A 178 -7.56 0.28 -35.93
CA VAL A 178 -8.75 -0.17 -35.19
C VAL A 178 -8.42 -1.36 -34.28
N THR A 179 -7.42 -2.16 -34.65
CA THR A 179 -6.93 -3.20 -33.78
C THR A 179 -6.19 -2.52 -32.63
N TYR A 180 -5.29 -1.59 -32.94
CA TYR A 180 -4.57 -0.82 -31.91
C TYR A 180 -5.54 -0.23 -30.90
N THR A 181 -6.60 0.39 -31.38
CA THR A 181 -7.61 1.01 -30.52
C THR A 181 -8.43 -0.01 -29.68
N LYS A 182 -8.74 -1.17 -30.25
CA LYS A 182 -9.47 -2.24 -29.51
C LYS A 182 -8.67 -2.80 -28.35
N ASN A 183 -7.36 -2.97 -28.57
CA ASN A 183 -6.46 -3.49 -27.57
C ASN A 183 -6.04 -2.42 -26.55
N LEU A 184 -6.04 -1.15 -26.95
CA LEU A 184 -5.68 -0.05 -26.03
C LEU A 184 -6.84 0.38 -25.15
N GLY A 185 -8.07 0.22 -25.63
CA GLY A 185 -9.26 0.65 -24.87
C GLY A 185 -9.42 0.05 -23.47
N PRO A 186 -9.27 -1.28 -23.36
CA PRO A 186 -9.32 -1.98 -22.07
C PRO A 186 -8.19 -1.63 -21.12
N GLY A 187 -6.99 -1.45 -21.66
CA GLY A 187 -5.83 -1.12 -20.85
C GLY A 187 -6.02 0.19 -20.13
N MET A 188 -6.46 1.21 -20.89
CA MET A 188 -6.67 2.56 -20.37
C MET A 188 -7.76 2.59 -19.33
N THR A 189 -8.83 1.87 -19.60
CA THR A 189 -9.97 1.79 -18.72
C THR A 189 -9.66 1.05 -17.40
N LYS A 190 -8.87 -0.01 -17.45
CA LYS A 190 -8.41 -0.68 -16.23
C LYS A 190 -7.51 0.26 -15.43
N MET A 191 -6.54 0.86 -16.09
CA MET A 191 -5.70 1.82 -15.43
C MET A 191 -6.54 2.93 -14.75
N ALA A 192 -7.51 3.50 -15.47
CA ALA A 192 -8.26 4.64 -14.95
C ALA A 192 -8.99 4.25 -13.67
N LYS A 193 -9.55 3.05 -13.65
CA LYS A 193 -10.25 2.53 -12.49
C LYS A 193 -9.30 2.32 -11.31
N MET A 194 -8.16 1.72 -11.57
CA MET A 194 -7.12 1.49 -10.54
C MET A 194 -6.59 2.76 -9.89
N ILE A 195 -6.33 3.78 -10.70
CA ILE A 195 -5.80 5.03 -10.19
C ILE A 195 -6.90 5.76 -9.45
N ASP A 196 -8.14 5.60 -9.88
CA ASP A 196 -9.25 6.30 -9.26
C ASP A 196 -9.43 5.82 -7.83
N GLU A 197 -9.43 4.51 -7.65
CA GLU A 197 -9.64 3.90 -6.34
C GLU A 197 -8.42 4.02 -5.42
N ARG A 198 -7.24 3.96 -6.02
CA ARG A 198 -6.02 4.14 -5.27
C ARG A 198 -5.98 5.52 -4.65
N GLN A 199 -6.18 6.52 -5.50
CA GLN A 199 -6.25 7.94 -5.13
C GLN A 199 -7.16 8.16 -3.89
N GLN A 200 -8.39 7.63 -3.96
CA GLN A 200 -9.34 7.64 -2.84
C GLN A 200 -8.73 7.12 -1.54
N GLU A 201 -8.06 5.97 -1.60
CA GLU A 201 -7.38 5.35 -0.42
C GLU A 201 -6.24 6.16 0.20
N LEU A 202 -5.73 7.17 -0.46
CA LEU A 202 -4.60 7.87 0.05
C LEU A 202 -4.97 8.94 1.09
N THR A 203 -3.94 9.22 1.89
CA THR A 203 -4.00 9.92 3.14
C THR A 203 -3.22 11.23 3.01
N HIS A 204 -2.45 11.36 1.93
CA HIS A 204 -1.79 12.61 1.59
C HIS A 204 -2.54 13.22 0.42
N GLN A 205 -3.19 14.34 0.70
CA GLN A 205 -4.08 14.97 -0.25
C GLN A 205 -3.34 15.45 -1.51
N GLU A 206 -2.10 15.89 -1.34
CA GLU A 206 -1.29 16.33 -2.46
C GLU A 206 -0.95 15.18 -3.43
N HIS A 207 -0.91 13.95 -2.93
CA HIS A 207 -0.65 12.77 -3.75
C HIS A 207 -1.88 12.37 -4.54
N ARG A 208 -3.06 12.62 -3.98
CA ARG A 208 -4.31 12.36 -4.71
C ARG A 208 -4.40 13.34 -5.89
N VAL A 209 -4.12 14.60 -5.61
CA VAL A 209 -4.12 15.66 -6.62
C VAL A 209 -3.26 15.28 -7.80
N MET A 210 -2.04 14.84 -7.54
CA MET A 210 -1.13 14.48 -8.63
C MET A 210 -1.64 13.35 -9.54
N LEU A 211 -2.13 12.29 -8.91
CA LEU A 211 -2.66 11.13 -9.59
C LEU A 211 -3.93 11.45 -10.38
N VAL A 212 -4.85 12.17 -9.78
CA VAL A 212 -6.02 12.65 -10.49
C VAL A 212 -5.65 13.57 -11.69
N ASN A 213 -4.77 14.53 -11.45
CA ASN A 213 -4.36 15.44 -12.51
C ASN A 213 -3.67 14.72 -13.66
N SER A 214 -2.65 13.92 -13.34
CA SER A 214 -1.91 13.13 -14.35
C SER A 214 -2.84 12.20 -15.10
N MET A 215 -3.73 11.54 -14.37
CA MET A 215 -4.69 10.67 -15.00
C MET A 215 -5.66 11.43 -15.92
N ASN A 216 -6.28 12.50 -15.42
CA ASN A 216 -7.18 13.30 -16.23
C ASN A 216 -6.51 13.75 -17.53
N THR A 217 -5.21 14.10 -17.46
CA THR A 217 -4.42 14.46 -18.63
C THR A 217 -4.23 13.30 -19.62
N VAL A 218 -4.01 12.11 -19.11
CA VAL A 218 -3.86 10.92 -19.95
C VAL A 218 -5.19 10.65 -20.65
N LYS A 219 -6.27 10.68 -19.88
CA LYS A 219 -7.60 10.42 -20.40
C LYS A 219 -7.99 11.34 -21.56
N GLU A 220 -7.62 12.61 -21.44
CA GLU A 220 -8.06 13.62 -22.38
C GLU A 220 -7.20 13.59 -23.66
N LEU A 221 -5.96 13.10 -23.53
CA LEU A 221 -5.02 12.87 -24.62
C LEU A 221 -5.27 11.59 -25.46
N LEU A 222 -5.99 10.64 -24.89
CA LEU A 222 -6.29 9.39 -25.60
C LEU A 222 -6.99 9.62 -26.94
N PRO A 223 -8.09 10.39 -26.95
CA PRO A 223 -8.78 10.62 -28.23
C PRO A 223 -7.99 11.50 -29.19
N VAL A 224 -7.16 12.37 -28.66
CA VAL A 224 -6.20 13.13 -29.42
C VAL A 224 -5.16 12.23 -30.09
N LEU A 225 -4.75 11.17 -29.39
CA LEU A 225 -3.79 10.20 -29.94
C LEU A 225 -4.43 9.47 -31.12
N ILE A 226 -5.64 8.98 -30.92
CA ILE A 226 -6.37 8.30 -31.96
C ILE A 226 -6.65 9.19 -33.17
N SER A 227 -7.06 10.44 -32.94
CA SER A 227 -7.22 11.42 -34.02
C SER A 227 -5.88 11.68 -34.72
N ALA A 228 -4.83 11.93 -33.95
CA ALA A 228 -3.47 12.05 -34.52
C ALA A 228 -3.06 10.84 -35.39
N MET A 229 -3.48 9.64 -34.98
CA MET A 229 -3.15 8.43 -35.71
C MET A 229 -4.00 8.26 -36.96
N LYS A 230 -5.30 8.53 -36.86
CA LYS A 230 -6.13 8.65 -38.04
C LYS A 230 -5.48 9.59 -39.05
N ILE A 231 -5.12 10.79 -38.60
CA ILE A 231 -4.55 11.79 -39.48
C ILE A 231 -3.30 11.27 -40.19
N PHE A 232 -2.43 10.58 -39.46
CA PHE A 232 -1.17 10.11 -40.04
C PHE A 232 -1.39 8.96 -41.01
N VAL A 233 -2.41 8.16 -40.74
CA VAL A 233 -2.72 6.99 -41.57
C VAL A 233 -3.33 7.52 -42.88
N THR A 234 -4.31 8.40 -42.72
CA THR A 234 -4.97 9.07 -43.85
C THR A 234 -3.99 9.87 -44.72
N THR A 235 -3.18 10.75 -44.14
CA THR A 235 -2.21 11.46 -44.97
C THR A 235 -1.23 10.49 -45.65
N LYS A 236 -0.97 9.34 -45.03
CA LYS A 236 0.00 8.40 -45.56
C LYS A 236 -0.55 7.73 -46.80
N ASN A 237 -1.80 7.28 -46.74
CA ASN A 237 -2.41 6.47 -47.82
C ASN A 237 -3.19 7.29 -48.86
N THR A 238 -3.31 8.60 -48.64
CA THR A 238 -3.60 9.54 -49.73
C THR A 238 -2.29 9.77 -50.48
N LYS A 239 -1.23 9.15 -49.96
CA LYS A 239 0.00 8.86 -50.70
C LYS A 239 1.00 10.02 -50.83
N SER A 240 0.87 11.06 -49.98
CA SER A 240 1.91 12.13 -49.88
C SER A 240 1.83 13.12 -48.70
N GLN A 241 1.07 14.20 -48.87
CA GLN A 241 1.42 15.52 -48.30
C GLN A 241 2.11 15.87 -46.97
N GLY A 242 1.37 16.47 -46.03
CA GLY A 242 1.95 16.93 -44.75
C GLY A 242 2.27 15.86 -43.72
N ILE A 243 2.77 14.72 -44.20
CA ILE A 243 3.06 13.55 -43.37
C ILE A 243 4.03 13.82 -42.21
N GLU A 244 5.04 14.67 -42.42
CA GLU A 244 6.00 15.00 -41.37
C GLU A 244 5.32 15.74 -40.23
N GLU A 245 4.27 16.51 -40.53
CA GLU A 245 3.58 17.31 -39.51
C GLU A 245 2.68 16.42 -38.64
N ALA A 246 1.91 15.57 -39.34
CA ALA A 246 1.01 14.57 -38.72
C ALA A 246 1.78 13.58 -37.83
N LEU A 247 3.02 13.32 -38.24
CA LEU A 247 3.93 12.47 -37.52
C LEU A 247 4.37 13.07 -36.17
N LYS A 248 4.76 14.34 -36.17
CA LYS A 248 5.23 14.92 -34.91
C LYS A 248 4.11 15.30 -33.93
N ASN A 249 2.86 15.40 -34.36
CA ASN A 249 1.77 15.58 -33.39
C ASN A 249 1.37 14.25 -32.70
N ARG A 250 1.39 13.16 -33.46
CA ARG A 250 1.17 11.83 -32.93
C ARG A 250 2.28 11.52 -31.93
N ASN A 251 3.52 11.82 -32.32
CA ASN A 251 4.68 11.60 -31.44
C ASN A 251 4.62 12.41 -30.15
N PHE A 252 4.21 13.67 -30.25
CA PHE A 252 4.08 14.52 -29.07
C PHE A 252 3.07 13.94 -28.10
N THR A 253 1.92 13.49 -28.61
CA THR A 253 0.85 12.96 -27.79
C THR A 253 1.31 11.72 -27.04
N VAL A 254 2.09 10.87 -27.71
CA VAL A 254 2.72 9.67 -27.12
C VAL A 254 3.80 9.98 -26.07
N GLU A 255 4.63 11.00 -26.32
CA GLU A 255 5.63 11.44 -25.33
C GLU A 255 4.96 12.08 -24.12
N LYS A 256 3.90 12.86 -24.36
CA LYS A 256 3.16 13.52 -23.29
C LYS A 256 2.36 12.52 -22.45
N MET A 257 1.76 11.53 -23.10
CA MET A 257 1.07 10.47 -22.39
C MET A 257 2.05 9.62 -21.61
N SER A 258 3.15 9.23 -22.23
CA SER A 258 4.13 8.42 -21.53
C SER A 258 4.75 9.17 -20.36
N ALA A 259 4.92 10.49 -20.48
CA ALA A 259 5.41 11.31 -19.38
C ALA A 259 4.46 11.28 -18.19
N GLU A 260 3.18 11.43 -18.45
CA GLU A 260 2.20 11.42 -17.37
C GLU A 260 2.11 10.06 -16.70
N ILE A 261 2.18 8.99 -17.51
CA ILE A 261 2.08 7.63 -16.98
C ILE A 261 3.29 7.30 -16.10
N ASN A 262 4.44 7.84 -16.48
CA ASN A 262 5.63 7.70 -15.69
C ASN A 262 5.50 8.43 -14.37
N GLU A 263 4.96 9.66 -14.43
CA GLU A 263 4.67 10.46 -13.24
C GLU A 263 3.68 9.74 -12.33
N ILE A 264 2.67 9.10 -12.90
CA ILE A 264 1.77 8.25 -12.14
C ILE A 264 2.51 7.14 -11.41
N ILE A 265 3.48 6.50 -12.07
CA ILE A 265 4.21 5.38 -11.49
C ILE A 265 5.06 5.85 -10.32
N ARG A 266 5.71 7.01 -10.48
CA ARG A 266 6.52 7.60 -9.45
C ARG A 266 5.70 7.94 -8.21
N VAL A 267 4.53 8.54 -8.44
CA VAL A 267 3.70 9.05 -7.35
C VAL A 267 2.98 7.91 -6.60
N LEU A 268 2.62 6.85 -7.31
CA LEU A 268 2.06 5.65 -6.66
C LEU A 268 3.01 5.07 -5.59
N GLN A 269 4.32 5.29 -5.76
CA GLN A 269 5.32 4.68 -4.89
C GLN A 269 5.66 5.50 -3.64
N LEU A 270 4.93 6.60 -3.45
CA LEU A 270 5.14 7.52 -2.33
C LEU A 270 4.26 7.06 -1.18
N THR A 271 4.74 7.29 0.04
CA THR A 271 4.09 6.79 1.25
C THR A 271 4.46 7.66 2.48
N ILE B 1 -4.56 -10.66 4.63
CA ILE B 1 -4.06 -10.20 5.96
C ILE B 1 -4.89 -9.06 6.61
N LEU B 2 -5.91 -8.53 5.95
CA LEU B 2 -6.64 -7.38 6.49
C LEU B 2 -7.44 -7.77 7.71
N GLU B 3 -8.19 -8.86 7.61
CA GLU B 3 -8.91 -9.39 8.78
C GLU B 3 -7.96 -9.92 9.86
N ALA B 4 -6.83 -10.49 9.45
CA ALA B 4 -5.78 -10.96 10.36
C ALA B 4 -5.19 -9.79 11.14
N ALA B 5 -4.98 -8.67 10.46
CA ALA B 5 -4.39 -7.47 11.03
C ALA B 5 -5.38 -6.69 11.88
N LYS B 6 -6.65 -6.70 11.50
CA LYS B 6 -7.70 -6.06 12.30
C LYS B 6 -7.81 -6.71 13.67
N SER B 7 -7.72 -8.03 13.65
CA SER B 7 -7.83 -8.85 14.83
C SER B 7 -6.64 -8.68 15.78
N ILE B 8 -5.44 -8.56 15.23
CA ILE B 8 -4.26 -8.34 16.08
C ILE B 8 -4.32 -6.92 16.67
N ALA B 9 -4.80 -5.96 15.90
CA ALA B 9 -5.02 -4.59 16.41
C ALA B 9 -6.05 -4.55 17.53
N ALA B 10 -7.18 -5.21 17.32
CA ALA B 10 -8.23 -5.29 18.32
C ALA B 10 -7.70 -5.94 19.60
N ALA B 11 -6.94 -7.02 19.42
CA ALA B 11 -6.34 -7.74 20.56
C ALA B 11 -5.29 -6.91 21.31
N THR B 12 -4.47 -6.16 20.59
CA THR B 12 -3.42 -5.36 21.19
C THR B 12 -3.96 -4.12 21.92
N SER B 13 -4.93 -3.44 21.28
CA SER B 13 -5.61 -2.31 21.90
C SER B 13 -6.29 -2.70 23.20
N ALA B 14 -6.93 -3.86 23.20
CA ALA B 14 -7.55 -4.42 24.39
C ALA B 14 -6.54 -4.79 25.48
N LEU B 15 -5.43 -5.42 25.09
CA LEU B 15 -4.34 -5.63 26.03
C LEU B 15 -3.96 -4.31 26.64
N VAL B 16 -3.68 -3.32 25.79
CA VAL B 16 -3.18 -2.03 26.24
C VAL B 16 -4.25 -1.26 27.07
N LYS B 17 -5.53 -1.49 26.80
CA LYS B 17 -6.58 -0.97 27.69
C LYS B 17 -6.55 -1.67 29.06
N ALA B 18 -6.34 -3.00 29.07
CA ALA B 18 -6.35 -3.74 30.38
C ALA B 18 -5.15 -3.36 31.23
N ALA B 19 -3.97 -2.97 30.74
CA ALA B 19 -2.74 -2.45 31.41
C ALA B 19 -2.95 -1.02 31.89
N SER B 20 -4.06 -0.31 31.81
CA SER B 20 -4.30 0.87 32.63
C SER B 20 -5.57 0.71 33.46
N ALA B 21 -6.40 -0.29 33.20
CA ALA B 21 -7.43 -0.73 34.19
C ALA B 21 -6.78 -1.08 35.53
#